data_6AYM
#
_entry.id   6AYM
#
_cell.length_a   46.408
_cell.length_b   84.620
_cell.length_c   124.881
_cell.angle_alpha   90.00
_cell.angle_beta   90.00
_cell.angle_gamma   90.00
#
_symmetry.space_group_name_H-M   'P 21 21 21'
#
loop_
_entity.id
_entity.type
_entity.pdbx_description
1 polymer "5'-methylthioadenosine/S-adenosylhomocysteine nucleosidase"
2 non-polymer 1,2-ETHANEDIOL
3 water water
#
_entity_poly.entity_id   1
_entity_poly.type   'polypeptide(L)'
_entity_poly.pdbx_seq_one_letter_code
;MGHHHHHHSGMKIAILGAMSEEITPLLETLKDYTKIEHANNTYYFAKYKDHELVLAYSKIGKVNSTLSASVMIEKFGAQV
LLFTGVAGAFNPELEIGDLLYATKLAQYDLDITAFGHPLGFVPGNEIFIKTDEKLNNLALEVAKELNIKLRAGIIATGDE
FICDEAKKAKIREIFNADACEMEGASVALVCDALKVPCFILRAMSDKAGEKAEFDFDEFVINSAKISANFVLKMCEKL
;
_entity_poly.pdbx_strand_id   A,B
#
loop_
_chem_comp.id
_chem_comp.type
_chem_comp.name
_chem_comp.formula
EDO non-polymer 1,2-ETHANEDIOL 'C2 H6 O2'
#
# COMPACT_ATOMS: atom_id res chain seq x y z
N GLY A 10 1.17 5.15 30.06
CA GLY A 10 2.06 4.87 28.89
C GLY A 10 1.44 5.16 27.54
N MET A 11 2.24 5.10 26.48
CA MET A 11 1.74 5.44 25.14
C MET A 11 0.84 4.32 24.61
N LYS A 12 -0.01 4.66 23.64
CA LYS A 12 -0.85 3.68 22.96
C LYS A 12 0.00 2.89 21.96
N ILE A 13 -0.08 1.57 22.02
CA ILE A 13 0.80 0.70 21.24
C ILE A 13 -0.01 -0.14 20.28
N ALA A 14 0.35 -0.09 18.99
CA ALA A 14 -0.19 -1.02 18.01
C ALA A 14 0.66 -2.28 17.94
N ILE A 15 0.01 -3.44 17.95
CA ILE A 15 0.67 -4.70 17.68
C ILE A 15 0.03 -5.29 16.43
N LEU A 16 0.82 -5.37 15.37
CA LEU A 16 0.39 -5.88 14.09
C LEU A 16 1.02 -7.25 13.90
N GLY A 17 0.24 -8.24 13.44
CA GLY A 17 0.74 -9.57 13.12
C GLY A 17 0.56 -9.81 11.64
N ALA A 18 1.59 -10.37 10.99
CA ALA A 18 1.49 -10.65 9.54
C ALA A 18 0.64 -11.88 9.24
N MET A 19 0.30 -12.66 10.27
CA MET A 19 -0.64 -13.76 10.18
C MET A 19 -1.60 -13.66 11.33
N SER A 20 -2.84 -14.08 11.12
CA SER A 20 -3.83 -14.06 12.21
C SER A 20 -3.39 -14.96 13.38
N GLU A 21 -2.69 -16.04 13.06
CA GLU A 21 -2.12 -16.95 14.06
C GLU A 21 -1.13 -16.29 15.03
N GLU A 22 -0.53 -15.18 14.63
N GLU A 22 -0.51 -15.18 14.62
CA GLU A 22 0.34 -14.41 15.51
CA GLU A 22 0.35 -14.40 15.51
C GLU A 22 -0.42 -13.55 16.52
C GLU A 22 -0.43 -13.56 16.53
N ILE A 23 -1.69 -13.26 16.24
CA ILE A 23 -2.55 -12.51 17.14
C ILE A 23 -3.21 -13.40 18.19
N THR A 24 -3.56 -14.63 17.82
CA THR A 24 -4.24 -15.54 18.76
C THR A 24 -3.56 -15.69 20.13
N PRO A 25 -2.24 -15.99 20.18
CA PRO A 25 -1.61 -16.11 21.50
C PRO A 25 -1.56 -14.80 22.29
N LEU A 26 -1.48 -13.66 21.61
CA LEU A 26 -1.58 -12.37 22.31
C LEU A 26 -2.93 -12.21 23.01
N LEU A 27 -4.01 -12.51 22.28
CA LEU A 27 -5.36 -12.41 22.84
C LEU A 27 -5.57 -13.39 24.00
N GLU A 28 -5.00 -14.58 23.87
CA GLU A 28 -5.08 -15.57 24.97
C GLU A 28 -4.41 -15.08 26.24
N THR A 29 -3.27 -14.41 26.11
CA THR A 29 -2.59 -13.81 27.26
C THR A 29 -3.37 -12.62 27.83
N LEU A 30 -3.88 -11.77 26.95
CA LEU A 30 -4.59 -10.55 27.37
C LEU A 30 -5.91 -10.86 28.06
N LYS A 31 -6.63 -11.86 27.53
CA LYS A 31 -7.92 -12.36 28.09
C LYS A 31 -9.11 -11.41 28.02
N ASP A 32 -8.94 -10.17 28.50
CA ASP A 32 -9.96 -9.13 28.42
C ASP A 32 -9.61 -8.18 27.28
N TYR A 33 -10.47 -8.14 26.26
CA TYR A 33 -10.30 -7.29 25.10
C TYR A 33 -11.63 -7.15 24.37
N THR A 34 -11.71 -6.17 23.49
CA THR A 34 -12.85 -6.00 22.62
C THR A 34 -12.37 -6.09 21.18
N LYS A 35 -13.31 -6.20 20.26
CA LYS A 35 -12.96 -6.17 18.85
C LYS A 35 -14.09 -5.62 18.02
N ILE A 36 -13.72 -5.06 16.88
CA ILE A 36 -14.66 -4.45 15.96
C ILE A 36 -14.23 -4.74 14.54
N GLU A 37 -15.16 -4.62 13.61
CA GLU A 37 -14.87 -4.62 12.21
C GLU A 37 -14.71 -3.22 11.72
N HIS A 38 -13.59 -2.97 11.04
CA HIS A 38 -13.35 -1.68 10.38
C HIS A 38 -12.40 -1.91 9.22
N ALA A 39 -12.61 -1.20 8.11
CA ALA A 39 -11.67 -1.27 6.98
C ALA A 39 -11.50 -2.72 6.48
N ASN A 40 -12.61 -3.46 6.44
CA ASN A 40 -12.62 -4.86 5.98
C ASN A 40 -11.59 -5.72 6.71
N ASN A 41 -11.52 -5.55 8.02
CA ASN A 41 -10.55 -6.21 8.87
C ASN A 41 -11.08 -6.16 10.30
N THR A 42 -10.41 -6.87 11.20
CA THR A 42 -10.78 -6.88 12.61
C THR A 42 -9.71 -6.19 13.43
N TYR A 43 -10.13 -5.25 14.28
CA TYR A 43 -9.23 -4.54 15.16
C TYR A 43 -9.60 -4.88 16.60
N TYR A 44 -8.58 -5.18 17.40
CA TYR A 44 -8.77 -5.61 18.79
C TYR A 44 -8.21 -4.54 19.72
N PHE A 45 -8.82 -4.40 20.89
CA PHE A 45 -8.45 -3.36 21.86
C PHE A 45 -8.33 -3.96 23.23
N ALA A 46 -7.23 -3.67 23.92
CA ALA A 46 -6.95 -4.22 25.25
C ALA A 46 -6.13 -3.25 26.07
N LYS A 47 -6.22 -3.35 27.39
CA LYS A 47 -5.31 -2.66 28.30
C LYS A 47 -4.28 -3.66 28.81
N TYR A 48 -3.01 -3.27 28.80
CA TYR A 48 -1.90 -4.11 29.26
C TYR A 48 -0.81 -3.25 29.92
N LYS A 49 -0.53 -3.48 31.20
CA LYS A 49 0.60 -2.82 31.91
C LYS A 49 0.64 -1.29 31.72
N ASP A 50 -0.51 -0.65 31.92
CA ASP A 50 -0.64 0.82 31.77
C ASP A 50 -0.49 1.32 30.32
N HIS A 51 -0.68 0.44 29.34
CA HIS A 51 -0.76 0.83 27.94
C HIS A 51 -2.09 0.40 27.37
N GLU A 52 -2.69 1.27 26.58
CA GLU A 52 -3.74 0.86 25.69
C GLU A 52 -3.10 0.20 24.47
N LEU A 53 -3.64 -0.95 24.07
CA LEU A 53 -3.18 -1.66 22.89
C LEU A 53 -4.26 -1.70 21.83
N VAL A 54 -3.83 -1.59 20.57
N VAL A 54 -3.82 -1.63 20.58
CA VAL A 54 -4.67 -1.91 19.42
CA VAL A 54 -4.66 -1.92 19.43
C VAL A 54 -3.94 -3.02 18.66
C VAL A 54 -3.93 -3.02 18.67
N LEU A 55 -4.64 -4.09 18.33
CA LEU A 55 -4.03 -5.25 17.67
C LEU A 55 -4.78 -5.54 16.38
N ALA A 56 -4.06 -6.10 15.42
CA ALA A 56 -4.69 -6.56 14.17
C ALA A 56 -3.78 -7.49 13.44
N TYR A 57 -4.40 -8.39 12.68
CA TYR A 57 -3.74 -9.09 11.59
C TYR A 57 -3.67 -8.13 10.40
N SER A 58 -2.50 -8.00 9.80
CA SER A 58 -2.29 -7.02 8.72
C SER A 58 -3.09 -7.28 7.45
N LYS A 59 -3.46 -8.55 7.24
CA LYS A 59 -3.87 -9.08 5.94
C LYS A 59 -2.65 -9.10 5.00
N ILE A 60 -2.81 -9.70 3.82
CA ILE A 60 -1.66 -10.12 3.02
C ILE A 60 -1.22 -9.05 2.04
N GLY A 61 0.07 -8.75 2.05
CA GLY A 61 0.70 -7.94 1.04
C GLY A 61 0.83 -6.47 1.39
N LYS A 62 1.39 -5.72 0.45
CA LYS A 62 1.80 -4.34 0.71
C LYS A 62 0.61 -3.41 0.91
N VAL A 63 -0.37 -3.46 0.03
CA VAL A 63 -1.54 -2.59 0.16
C VAL A 63 -2.29 -2.85 1.46
N ASN A 64 -2.58 -4.13 1.71
CA ASN A 64 -3.29 -4.48 2.94
C ASN A 64 -2.58 -4.01 4.19
N SER A 65 -1.27 -4.25 4.24
CA SER A 65 -0.51 -3.91 5.44
C SER A 65 -0.35 -2.40 5.59
N THR A 66 -0.21 -1.69 4.49
CA THR A 66 -0.18 -0.23 4.52
C THR A 66 -1.48 0.30 5.10
N LEU A 67 -2.61 -0.21 4.60
CA LEU A 67 -3.91 0.22 5.09
C LEU A 67 -4.05 -0.09 6.60
N SER A 68 -3.71 -1.30 7.01
CA SER A 68 -3.85 -1.66 8.42
C SER A 68 -3.03 -0.77 9.35
N ALA A 69 -1.77 -0.54 9.00
CA ALA A 69 -0.95 0.36 9.79
C ALA A 69 -1.49 1.79 9.82
N SER A 70 -1.95 2.28 8.67
N SER A 70 -1.96 2.28 8.68
CA SER A 70 -2.50 3.64 8.58
CA SER A 70 -2.48 3.64 8.61
C SER A 70 -3.75 3.78 9.45
C SER A 70 -3.75 3.78 9.45
N VAL A 71 -4.60 2.75 9.46
CA VAL A 71 -5.81 2.74 10.30
C VAL A 71 -5.42 2.74 11.78
N MET A 72 -4.46 1.91 12.16
CA MET A 72 -4.06 1.83 13.57
C MET A 72 -3.56 3.16 14.09
N ILE A 73 -2.87 3.92 13.25
CA ILE A 73 -2.33 5.21 13.64
C ILE A 73 -3.33 6.32 13.44
N GLU A 74 -3.85 6.49 12.23
CA GLU A 74 -4.72 7.65 11.93
C GLU A 74 -6.10 7.55 12.55
N LYS A 75 -6.68 6.35 12.60
CA LYS A 75 -8.00 6.15 13.21
C LYS A 75 -7.91 5.84 14.68
N PHE A 76 -7.06 4.89 15.08
CA PHE A 76 -7.03 4.42 16.47
C PHE A 76 -5.92 5.02 17.33
N GLY A 77 -5.14 5.95 16.80
CA GLY A 77 -4.22 6.73 17.63
C GLY A 77 -2.98 6.03 18.15
N ALA A 78 -2.57 4.95 17.52
CA ALA A 78 -1.34 4.27 17.96
C ALA A 78 -0.14 5.19 17.86
N GLN A 79 0.73 5.14 18.86
CA GLN A 79 1.91 5.99 18.99
C GLN A 79 3.22 5.25 18.76
N VAL A 80 3.17 3.92 18.87
CA VAL A 80 4.28 3.02 18.62
C VAL A 80 3.66 1.82 17.89
N LEU A 81 4.40 1.19 16.99
CA LEU A 81 3.91 -0.01 16.32
C LEU A 81 4.95 -1.11 16.32
N LEU A 82 4.53 -2.28 16.82
CA LEU A 82 5.36 -3.48 16.84
C LEU A 82 4.73 -4.48 15.88
N PHE A 83 5.52 -4.99 14.95
CA PHE A 83 5.02 -5.82 13.86
C PHE A 83 5.73 -7.16 13.87
N THR A 84 5.01 -8.20 14.22
CA THR A 84 5.57 -9.55 14.25
C THR A 84 5.12 -10.34 13.02
N GLY A 85 5.95 -11.28 12.61
CA GLY A 85 5.69 -12.07 11.43
C GLY A 85 6.75 -13.11 11.15
N VAL A 86 6.71 -13.65 9.94
CA VAL A 86 7.68 -14.63 9.47
C VAL A 86 8.31 -14.15 8.16
N ALA A 87 9.44 -14.74 7.82
CA ALA A 87 10.11 -14.37 6.57
C ALA A 87 10.95 -15.53 6.06
N GLY A 88 11.15 -15.57 4.76
CA GLY A 88 12.08 -16.55 4.17
C GLY A 88 13.50 -16.02 4.29
N ALA A 89 14.41 -16.88 4.77
CA ALA A 89 15.80 -16.47 4.93
C ALA A 89 16.56 -16.54 3.61
N PHE A 90 17.33 -15.50 3.34
CA PHE A 90 18.33 -15.47 2.25
C PHE A 90 19.76 -15.64 2.75
N ASN A 91 20.05 -15.15 3.96
CA ASN A 91 21.37 -15.24 4.55
C ASN A 91 21.61 -16.70 4.96
N PRO A 92 22.66 -17.34 4.40
CA PRO A 92 22.97 -18.75 4.75
C PRO A 92 23.23 -19.03 6.24
N GLU A 93 23.63 -18.00 6.98
CA GLU A 93 23.93 -18.15 8.40
C GLU A 93 22.69 -18.35 9.25
N LEU A 94 21.53 -17.94 8.73
CA LEU A 94 20.28 -18.08 9.48
C LEU A 94 19.75 -19.52 9.45
N GLU A 95 19.00 -19.85 10.49
CA GLU A 95 18.39 -21.17 10.67
C GLU A 95 16.91 -21.01 10.90
N ILE A 96 16.15 -22.06 10.65
CA ILE A 96 14.69 -22.02 10.80
C ILE A 96 14.32 -21.64 12.24
N GLY A 97 13.39 -20.70 12.39
CA GLY A 97 12.97 -20.21 13.71
C GLY A 97 13.79 -19.04 14.26
N ASP A 98 14.95 -18.75 13.69
CA ASP A 98 15.77 -17.63 14.16
C ASP A 98 14.98 -16.33 14.06
N LEU A 99 15.16 -15.49 15.09
CA LEU A 99 14.53 -14.19 15.14
C LEU A 99 15.46 -13.13 14.58
N LEU A 100 14.90 -12.34 13.67
CA LEU A 100 15.58 -11.24 13.03
C LEU A 100 14.76 -10.00 13.33
N TYR A 101 15.41 -8.88 13.66
CA TYR A 101 14.73 -7.59 13.58
C TYR A 101 15.28 -6.85 12.38
N ALA A 102 14.40 -6.19 11.63
CA ALA A 102 14.82 -5.43 10.47
C ALA A 102 15.44 -4.10 10.91
N THR A 103 16.65 -3.80 10.45
CA THR A 103 17.23 -2.47 10.66
C THR A 103 16.74 -1.53 9.57
N LYS A 104 16.62 -2.03 8.36
CA LYS A 104 16.04 -1.27 7.26
C LYS A 104 15.45 -2.23 6.24
N LEU A 105 14.55 -1.70 5.42
CA LEU A 105 13.76 -2.49 4.49
C LEU A 105 13.61 -1.76 3.16
N ALA A 106 13.47 -2.54 2.09
CA ALA A 106 13.22 -2.00 0.76
C ALA A 106 12.12 -2.80 0.09
N GLN A 107 11.48 -2.19 -0.91
CA GLN A 107 10.50 -2.87 -1.77
C GLN A 107 11.21 -3.35 -3.03
N TYR A 108 11.40 -4.66 -3.17
CA TYR A 108 12.15 -5.21 -4.33
C TYR A 108 11.38 -5.12 -5.63
N ASP A 109 10.06 -4.95 -5.56
CA ASP A 109 9.18 -4.91 -6.74
C ASP A 109 8.66 -3.52 -7.07
N LEU A 110 9.24 -2.48 -6.47
CA LEU A 110 8.95 -1.10 -6.81
C LEU A 110 10.01 -0.67 -7.83
N ASP A 111 9.59 -0.53 -9.08
CA ASP A 111 10.54 -0.57 -10.20
C ASP A 111 10.18 0.48 -11.24
N ILE A 112 10.87 1.62 -11.19
CA ILE A 112 10.86 2.59 -12.29
C ILE A 112 12.29 2.73 -12.82
N THR A 113 12.98 1.60 -12.89
CA THR A 113 14.37 1.53 -13.39
C THR A 113 14.44 1.94 -14.87
N ALA A 114 13.34 1.85 -15.60
CA ALA A 114 13.26 2.35 -16.99
C ALA A 114 13.66 3.82 -17.12
N PHE A 115 13.50 4.60 -16.06
CA PHE A 115 13.87 6.02 -16.04
C PHE A 115 15.23 6.31 -15.40
N GLY A 116 16.07 5.28 -15.24
CA GLY A 116 17.43 5.46 -14.74
C GLY A 116 17.59 5.46 -13.23
N HIS A 117 16.53 5.07 -12.50
CA HIS A 117 16.57 4.95 -11.05
C HIS A 117 17.03 3.55 -10.65
N PRO A 118 17.60 3.43 -9.43
CA PRO A 118 17.86 2.10 -8.90
C PRO A 118 16.55 1.39 -8.50
N LEU A 119 16.58 0.07 -8.49
CA LEU A 119 15.44 -0.72 -8.06
C LEU A 119 15.05 -0.35 -6.64
N GLY A 120 13.75 -0.17 -6.43
CA GLY A 120 13.21 0.18 -5.12
C GLY A 120 13.03 1.66 -4.87
N PHE A 121 13.57 2.50 -5.76
CA PHE A 121 13.54 3.95 -5.57
C PHE A 121 12.43 4.60 -6.38
N VAL A 122 11.69 5.52 -5.75
CA VAL A 122 10.84 6.47 -6.48
C VAL A 122 11.12 7.88 -5.96
N PRO A 123 11.13 8.89 -6.87
CA PRO A 123 11.29 10.26 -6.40
C PRO A 123 10.26 10.60 -5.36
N GLY A 124 10.69 11.24 -4.29
CA GLY A 124 9.83 11.50 -3.13
C GLY A 124 10.10 10.55 -1.98
N ASN A 125 10.88 9.50 -2.23
CA ASN A 125 11.16 8.47 -1.24
C ASN A 125 12.62 8.04 -1.35
N GLU A 126 13.03 7.07 -0.54
CA GLU A 126 14.37 6.49 -0.61
C GLU A 126 14.28 5.00 -0.87
N ILE A 127 15.41 4.37 -1.18
CA ILE A 127 15.41 2.93 -1.42
C ILE A 127 15.07 2.18 -0.13
N PHE A 128 15.73 2.56 0.96
CA PHE A 128 15.56 1.90 2.25
C PHE A 128 14.82 2.79 3.23
N ILE A 129 14.02 2.15 4.09
CA ILE A 129 13.39 2.81 5.23
C ILE A 129 13.91 2.14 6.50
N LYS A 130 14.31 2.95 7.47
CA LYS A 130 14.80 2.43 8.73
C LYS A 130 13.69 2.25 9.75
N THR A 131 13.90 1.27 10.63
CA THR A 131 13.08 1.10 11.81
C THR A 131 13.67 1.93 12.96
N ASP A 132 12.97 1.95 14.08
CA ASP A 132 13.31 2.81 15.19
C ASP A 132 14.43 2.25 16.05
N GLU A 133 15.53 3.00 16.17
CA GLU A 133 16.69 2.57 16.95
C GLU A 133 16.40 2.30 18.43
N LYS A 134 15.58 3.14 19.06
CA LYS A 134 15.22 2.95 20.47
C LYS A 134 14.45 1.62 20.65
N LEU A 135 13.48 1.35 19.78
CA LEU A 135 12.78 0.07 19.86
C LEU A 135 13.69 -1.12 19.60
N ASN A 136 14.61 -0.99 18.64
CA ASN A 136 15.55 -2.07 18.37
C ASN A 136 16.43 -2.37 19.59
N ASN A 137 16.88 -1.31 20.27
CA ASN A 137 17.67 -1.49 21.49
C ASN A 137 16.85 -2.13 22.61
N LEU A 138 15.58 -1.75 22.71
CA LEU A 138 14.70 -2.40 23.66
C LEU A 138 14.54 -3.89 23.38
N ALA A 139 14.40 -4.23 22.09
CA ALA A 139 14.30 -5.63 21.70
C ALA A 139 15.54 -6.43 22.06
N LEU A 140 16.71 -5.83 21.88
CA LEU A 140 17.95 -6.48 22.31
C LEU A 140 17.98 -6.74 23.82
N GLU A 141 17.51 -5.78 24.61
CA GLU A 141 17.37 -5.96 26.06
C GLU A 141 16.43 -7.13 26.41
N VAL A 142 15.26 -7.17 25.76
CA VAL A 142 14.27 -8.22 25.98
C VAL A 142 14.85 -9.58 25.59
N ALA A 143 15.50 -9.66 24.43
CA ALA A 143 16.12 -10.90 23.98
C ALA A 143 17.14 -11.42 25.00
N LYS A 144 17.95 -10.51 25.54
CA LYS A 144 18.94 -10.86 26.56
C LYS A 144 18.26 -11.40 27.82
N GLU A 145 17.21 -10.72 28.28
CA GLU A 145 16.46 -11.14 29.47
C GLU A 145 15.73 -12.47 29.30
N LEU A 146 15.27 -12.76 28.09
CA LEU A 146 14.61 -14.03 27.77
C LEU A 146 15.57 -15.15 27.33
N ASN A 147 16.85 -14.85 27.21
CA ASN A 147 17.89 -15.75 26.74
C ASN A 147 17.57 -16.28 25.34
N ILE A 148 17.19 -15.33 24.47
CA ILE A 148 16.81 -15.61 23.09
C ILE A 148 17.82 -14.89 22.20
N LYS A 149 18.25 -15.59 21.15
CA LYS A 149 19.17 -15.07 20.17
C LYS A 149 18.37 -14.15 19.24
N LEU A 150 18.86 -12.94 19.05
CA LEU A 150 18.22 -11.96 18.16
C LEU A 150 19.27 -11.33 17.26
N ARG A 151 19.03 -11.38 15.95
CA ARG A 151 19.96 -10.86 14.95
C ARG A 151 19.35 -9.69 14.20
N ALA A 152 20.20 -8.75 13.77
CA ALA A 152 19.79 -7.64 12.92
C ALA A 152 19.86 -8.08 11.46
N GLY A 153 18.95 -7.57 10.64
CA GLY A 153 19.03 -7.82 9.23
C GLY A 153 18.34 -6.81 8.36
N ILE A 154 18.67 -6.86 7.06
CA ILE A 154 17.96 -6.11 6.03
C ILE A 154 16.85 -7.00 5.50
N ILE A 155 15.63 -6.46 5.38
CA ILE A 155 14.50 -7.21 4.83
C ILE A 155 14.06 -6.61 3.51
N ALA A 156 13.89 -7.48 2.51
CA ALA A 156 13.28 -7.08 1.23
C ALA A 156 11.83 -7.51 1.22
N THR A 157 10.95 -6.58 0.85
CA THR A 157 9.51 -6.78 0.85
C THR A 157 8.97 -6.66 -0.57
N GLY A 158 8.02 -7.53 -0.92
CA GLY A 158 7.31 -7.36 -2.18
C GLY A 158 6.10 -8.25 -2.20
N ASP A 159 5.27 -8.07 -3.23
CA ASP A 159 3.96 -8.71 -3.29
C ASP A 159 3.92 -10.06 -3.99
N GLU A 160 5.09 -10.67 -4.17
CA GLU A 160 5.16 -12.05 -4.64
C GLU A 160 5.63 -12.95 -3.52
N PHE A 161 5.01 -14.13 -3.41
CA PHE A 161 5.59 -15.17 -2.58
C PHE A 161 6.57 -15.92 -3.48
N ILE A 162 7.86 -15.68 -3.28
CA ILE A 162 8.88 -16.17 -4.20
C ILE A 162 9.29 -17.60 -3.86
N CYS A 163 9.21 -18.46 -4.86
CA CYS A 163 9.72 -19.84 -4.81
C CYS A 163 10.92 -20.07 -5.74
N ASP A 164 11.18 -19.15 -6.67
CA ASP A 164 12.28 -19.25 -7.61
C ASP A 164 13.59 -18.93 -6.90
N GLU A 165 14.46 -19.93 -6.76
CA GLU A 165 15.74 -19.76 -6.04
C GLU A 165 16.66 -18.73 -6.69
N ALA A 166 16.67 -18.68 -8.02
CA ALA A 166 17.46 -17.66 -8.73
C ALA A 166 16.97 -16.25 -8.40
N LYS A 167 15.65 -16.07 -8.31
CA LYS A 167 15.09 -14.76 -7.96
C LYS A 167 15.45 -14.36 -6.53
N LYS A 168 15.40 -15.31 -5.60
CA LYS A 168 15.84 -15.07 -4.23
C LYS A 168 17.28 -14.60 -4.17
N ALA A 169 18.15 -15.29 -4.90
CA ALA A 169 19.56 -14.91 -4.96
C ALA A 169 19.76 -13.50 -5.50
N LYS A 170 18.97 -13.16 -6.53
CA LYS A 170 19.06 -11.85 -7.14
C LYS A 170 18.62 -10.75 -6.18
N ILE A 171 17.52 -10.97 -5.46
CA ILE A 171 17.02 -9.98 -4.50
C ILE A 171 18.02 -9.80 -3.37
N ARG A 172 18.57 -10.91 -2.89
CA ARG A 172 19.60 -10.86 -1.85
C ARG A 172 20.78 -10.01 -2.33
N GLU A 173 21.23 -10.26 -3.56
CA GLU A 173 22.39 -9.56 -4.09
C GLU A 173 22.12 -8.06 -4.24
N ILE A 174 20.98 -7.69 -4.80
CA ILE A 174 20.68 -6.28 -5.09
C ILE A 174 20.59 -5.45 -3.80
N PHE A 175 19.95 -6.00 -2.77
CA PHE A 175 19.67 -5.22 -1.56
C PHE A 175 20.55 -5.58 -0.36
N ASN A 176 21.42 -6.58 -0.53
CA ASN A 176 22.11 -7.22 0.61
C ASN A 176 21.07 -7.64 1.68
N ALA A 177 19.98 -8.24 1.19
CA ALA A 177 18.86 -8.62 2.05
C ALA A 177 19.15 -9.94 2.75
N ASP A 178 18.82 -10.00 4.03
CA ASP A 178 18.93 -11.22 4.83
C ASP A 178 17.69 -12.08 4.78
N ALA A 179 16.53 -11.48 4.51
CA ALA A 179 15.26 -12.21 4.47
C ALA A 179 14.26 -11.44 3.64
N CYS A 180 13.12 -12.07 3.38
CA CYS A 180 12.16 -11.55 2.45
C CYS A 180 10.74 -11.88 2.90
N GLU A 181 9.83 -10.92 2.74
CA GLU A 181 8.42 -11.12 3.09
C GLU A 181 7.53 -10.14 2.31
N MET A 182 6.25 -10.04 2.68
CA MET A 182 5.28 -9.31 1.87
C MET A 182 4.68 -8.07 2.54
N GLU A 183 5.10 -7.75 3.75
CA GLU A 183 4.47 -6.62 4.48
C GLU A 183 5.39 -5.65 5.22
N GLY A 184 6.67 -5.97 5.39
CA GLY A 184 7.52 -5.18 6.28
C GLY A 184 7.79 -3.77 5.84
N ALA A 185 8.28 -3.61 4.60
CA ALA A 185 8.71 -2.29 4.16
C ALA A 185 7.56 -1.30 4.10
N SER A 186 6.39 -1.77 3.70
CA SER A 186 5.20 -0.94 3.61
C SER A 186 4.79 -0.41 4.97
N VAL A 187 4.79 -1.26 5.99
CA VAL A 187 4.45 -0.82 7.34
C VAL A 187 5.52 0.12 7.90
N ALA A 188 6.79 -0.21 7.70
CA ALA A 188 7.87 0.67 8.15
C ALA A 188 7.78 2.06 7.54
N LEU A 189 7.41 2.12 6.26
CA LEU A 189 7.21 3.40 5.57
C LEU A 189 6.06 4.21 6.15
N VAL A 190 4.91 3.57 6.38
CA VAL A 190 3.77 4.24 6.98
C VAL A 190 4.16 4.83 8.33
N CYS A 191 4.82 4.03 9.16
CA CYS A 191 5.17 4.46 10.50
C CYS A 191 6.14 5.63 10.47
N ASP A 192 7.17 5.54 9.65
CA ASP A 192 8.10 6.66 9.50
C ASP A 192 7.39 7.93 9.03
N ALA A 193 6.52 7.80 8.04
CA ALA A 193 5.83 8.95 7.51
C ALA A 193 4.95 9.63 8.55
N LEU A 194 4.36 8.83 9.45
CA LEU A 194 3.46 9.34 10.48
C LEU A 194 4.16 9.58 11.83
N LYS A 195 5.49 9.52 11.84
CA LYS A 195 6.29 9.80 13.03
C LYS A 195 5.97 8.88 14.20
N VAL A 196 5.78 7.60 13.86
CA VAL A 196 5.48 6.54 14.81
C VAL A 196 6.66 5.58 14.81
N PRO A 197 7.34 5.39 15.95
CA PRO A 197 8.40 4.40 16.02
C PRO A 197 7.89 3.00 15.67
N CYS A 198 8.63 2.31 14.81
CA CYS A 198 8.27 0.99 14.31
C CYS A 198 9.36 -0.03 14.60
N PHE A 199 8.92 -1.23 15.01
CA PHE A 199 9.77 -2.39 15.24
C PHE A 199 9.26 -3.53 14.39
N ILE A 200 10.13 -4.20 13.66
CA ILE A 200 9.75 -5.31 12.78
C ILE A 200 10.55 -6.55 13.14
N LEU A 201 9.82 -7.55 13.63
CA LEU A 201 10.36 -8.83 14.09
C LEU A 201 9.90 -9.91 13.15
N ARG A 202 10.85 -10.76 12.70
CA ARG A 202 10.55 -11.84 11.79
C ARG A 202 11.24 -13.12 12.25
N ALA A 203 10.47 -14.21 12.34
CA ALA A 203 11.01 -15.55 12.52
C ALA A 203 11.26 -16.20 11.17
N MET A 204 12.40 -16.82 10.99
CA MET A 204 12.75 -17.43 9.71
C MET A 204 11.94 -18.71 9.47
N SER A 205 11.10 -18.69 8.45
CA SER A 205 10.18 -19.80 8.15
C SER A 205 10.65 -20.71 7.02
N ASP A 206 11.76 -20.36 6.40
CA ASP A 206 12.36 -21.16 5.32
C ASP A 206 13.82 -20.72 5.19
N LYS A 207 14.68 -21.64 4.77
CA LYS A 207 16.13 -21.45 4.75
C LYS A 207 16.68 -21.37 3.33
N ALA A 208 17.79 -20.66 3.19
CA ALA A 208 18.43 -20.45 1.90
C ALA A 208 18.86 -21.77 1.27
N GLY A 209 18.31 -22.05 0.09
CA GLY A 209 18.67 -23.22 -0.70
C GLY A 209 18.10 -24.57 -0.28
N GLU A 210 17.24 -24.61 0.74
CA GLU A 210 16.79 -25.85 1.37
C GLU A 210 15.29 -25.98 1.29
N LYS A 211 14.82 -27.16 0.85
CA LYS A 211 13.41 -27.50 0.88
C LYS A 211 12.99 -27.61 2.35
N ALA A 212 11.89 -26.95 2.71
CA ALA A 212 11.34 -27.00 4.06
C ALA A 212 10.85 -28.42 4.36
N GLU A 213 11.57 -29.12 5.26
CA GLU A 213 11.24 -30.49 5.68
C GLU A 213 10.55 -30.49 7.04
N PHE A 214 9.55 -29.62 7.20
CA PHE A 214 8.80 -29.50 8.46
C PHE A 214 7.44 -28.88 8.19
N ASP A 215 6.53 -29.05 9.16
CA ASP A 215 5.18 -28.57 9.01
C ASP A 215 5.07 -27.07 9.32
N PHE A 216 4.47 -26.33 8.39
CA PHE A 216 4.35 -24.88 8.55
C PHE A 216 3.39 -24.52 9.68
N ASP A 217 2.26 -25.22 9.78
CA ASP A 217 1.26 -24.93 10.82
C ASP A 217 1.87 -25.04 12.22
N GLU A 218 2.58 -26.12 12.46
CA GLU A 218 3.29 -26.35 13.70
C GLU A 218 4.34 -25.26 13.96
N PHE A 219 5.15 -24.96 12.95
CA PHE A 219 6.14 -23.89 13.05
C PHE A 219 5.49 -22.55 13.45
N VAL A 220 4.38 -22.21 12.79
CA VAL A 220 3.68 -20.93 13.05
C VAL A 220 3.20 -20.84 14.48
N ILE A 221 2.59 -21.91 14.99
CA ILE A 221 2.06 -21.93 16.35
C ILE A 221 3.20 -21.73 17.37
N ASN A 222 4.29 -22.48 17.18
CA ASN A 222 5.41 -22.40 18.11
C ASN A 222 6.10 -21.04 18.05
N SER A 223 6.37 -20.57 16.83
N SER A 223 6.37 -20.58 16.83
CA SER A 223 7.01 -19.27 16.64
CA SER A 223 7.00 -19.27 16.65
C SER A 223 6.14 -18.11 17.14
C SER A 223 6.14 -18.11 17.14
N ALA A 224 4.83 -18.20 16.89
CA ALA A 224 3.89 -17.16 17.33
C ALA A 224 3.82 -17.03 18.84
N LYS A 225 3.89 -18.16 19.56
CA LYS A 225 3.90 -18.10 21.03
C LYS A 225 5.10 -17.31 21.54
N ILE A 226 6.26 -17.63 21.00
CA ILE A 226 7.51 -16.93 21.38
C ILE A 226 7.45 -15.45 21.03
N SER A 227 7.04 -15.15 19.81
CA SER A 227 6.96 -13.74 19.36
C SER A 227 5.93 -12.93 20.16
N ALA A 228 4.80 -13.55 20.54
CA ALA A 228 3.77 -12.86 21.32
C ALA A 228 4.32 -12.45 22.67
N ASN A 229 4.96 -13.38 23.37
CA ASN A 229 5.59 -13.07 24.64
C ASN A 229 6.66 -12.00 24.49
N PHE A 230 7.43 -12.08 23.41
CA PHE A 230 8.50 -11.14 23.15
C PHE A 230 7.96 -9.71 23.07
N VAL A 231 6.93 -9.51 22.24
CA VAL A 231 6.42 -8.13 22.07
C VAL A 231 5.68 -7.62 23.31
N LEU A 232 5.01 -8.49 24.05
CA LEU A 232 4.40 -8.07 25.32
C LEU A 232 5.46 -7.66 26.34
N LYS A 233 6.60 -8.34 26.35
CA LYS A 233 7.71 -7.93 27.22
C LYS A 233 8.25 -6.56 26.80
N MET A 234 8.29 -6.28 25.49
CA MET A 234 8.63 -4.94 25.04
C MET A 234 7.61 -3.90 25.52
N CYS A 235 6.32 -4.21 25.43
CA CYS A 235 5.25 -3.32 25.91
C CYS A 235 5.42 -2.97 27.38
N GLU A 236 5.78 -3.98 28.17
CA GLU A 236 5.97 -3.83 29.61
C GLU A 236 7.07 -2.81 29.92
N LYS A 237 8.11 -2.79 29.10
CA LYS A 237 9.22 -1.84 29.26
C LYS A 237 9.01 -0.46 28.64
N LEU A 238 8.02 -0.31 27.78
CA LEU A 238 7.72 0.99 27.16
C LEU A 238 6.93 1.89 28.10
N GLY B 10 -22.88 20.12 1.25
CA GLY B 10 -22.49 18.88 0.51
C GLY B 10 -21.43 18.05 1.21
N MET B 11 -21.16 16.86 0.69
CA MET B 11 -20.21 15.96 1.35
C MET B 11 -18.76 16.46 1.13
N LYS B 12 -17.87 16.01 2.01
CA LYS B 12 -16.45 16.33 1.87
C LYS B 12 -15.82 15.44 0.81
N ILE B 13 -15.10 16.07 -0.12
CA ILE B 13 -14.59 15.37 -1.30
C ILE B 13 -13.07 15.37 -1.31
N ALA B 14 -12.47 14.19 -1.43
CA ALA B 14 -11.04 14.08 -1.68
C ALA B 14 -10.77 14.06 -3.17
N ILE B 15 -9.78 14.83 -3.59
CA ILE B 15 -9.30 14.80 -4.96
C ILE B 15 -7.84 14.43 -4.91
N LEU B 16 -7.52 13.26 -5.45
CA LEU B 16 -6.19 12.72 -5.48
C LEU B 16 -5.68 12.80 -6.92
N GLY B 17 -4.44 13.22 -7.12
CA GLY B 17 -3.81 13.24 -8.43
C GLY B 17 -2.62 12.33 -8.43
N ALA B 18 -2.45 11.51 -9.47
CA ALA B 18 -1.33 10.57 -9.54
C ALA B 18 -0.02 11.26 -9.91
N MET B 19 -0.09 12.51 -10.37
CA MET B 19 1.07 13.34 -10.60
C MET B 19 0.81 14.69 -9.98
N SER B 20 1.85 15.33 -9.47
N SER B 20 1.86 15.32 -9.46
CA SER B 20 1.72 16.66 -8.88
CA SER B 20 1.80 16.68 -8.89
C SER B 20 1.20 17.68 -9.89
C SER B 20 1.24 17.69 -9.89
N GLU B 21 1.58 17.49 -11.16
CA GLU B 21 1.09 18.35 -12.25
C GLU B 21 -0.43 18.33 -12.43
N GLU B 22 -1.11 17.28 -11.97
CA GLU B 22 -2.57 17.21 -12.01
C GLU B 22 -3.24 18.01 -10.90
N ILE B 23 -2.51 18.29 -9.84
CA ILE B 23 -2.99 19.11 -8.72
C ILE B 23 -2.82 20.60 -8.98
N THR B 24 -1.73 20.97 -9.63
CA THR B 24 -1.45 22.38 -9.90
C THR B 24 -2.63 23.17 -10.51
N PRO B 25 -3.23 22.68 -11.62
CA PRO B 25 -4.33 23.45 -12.17
C PRO B 25 -5.57 23.52 -11.28
N LEU B 26 -5.81 22.48 -10.47
CA LEU B 26 -6.90 22.55 -9.48
C LEU B 26 -6.67 23.67 -8.48
N LEU B 27 -5.46 23.75 -7.93
CA LEU B 27 -5.13 24.80 -6.95
C LEU B 27 -5.21 26.19 -7.57
N GLU B 28 -4.77 26.32 -8.82
CA GLU B 28 -4.86 27.60 -9.53
C GLU B 28 -6.31 28.06 -9.70
N THR B 29 -7.21 27.14 -9.99
CA THR B 29 -8.63 27.46 -10.11
C THR B 29 -9.25 27.81 -8.75
N LEU B 30 -8.90 27.02 -7.73
CA LEU B 30 -9.47 27.22 -6.40
C LEU B 30 -8.98 28.51 -5.75
N LYS B 31 -7.72 28.83 -5.97
CA LYS B 31 -7.03 30.09 -5.59
C LYS B 31 -6.79 30.27 -4.10
N ASP B 32 -7.86 30.13 -3.31
CA ASP B 32 -7.79 30.24 -1.85
C ASP B 32 -7.81 28.85 -1.25
N TYR B 33 -6.72 28.51 -0.57
CA TYR B 33 -6.60 27.20 0.06
C TYR B 33 -5.56 27.24 1.16
N THR B 34 -5.63 26.26 2.04
CA THR B 34 -4.64 26.06 3.08
C THR B 34 -4.00 24.71 2.88
N LYS B 35 -2.97 24.40 3.66
CA LYS B 35 -2.27 23.13 3.51
C LYS B 35 -1.63 22.71 4.81
N ILE B 36 -1.35 21.41 4.90
CA ILE B 36 -0.64 20.82 6.00
C ILE B 36 0.38 19.85 5.43
N GLU B 37 1.50 19.74 6.12
CA GLU B 37 2.51 18.74 5.78
C GLU B 37 2.25 17.59 6.75
N HIS B 38 2.00 16.40 6.19
CA HIS B 38 1.57 15.26 6.97
C HIS B 38 1.86 14.02 6.17
N ALA B 39 2.32 12.97 6.85
CA ALA B 39 2.55 11.68 6.20
C ALA B 39 3.56 11.83 5.04
N ASN B 40 4.58 12.67 5.25
CA ASN B 40 5.63 12.92 4.24
C ASN B 40 5.05 13.33 2.88
N ASN B 41 4.05 14.21 2.94
CA ASN B 41 3.30 14.65 1.76
C ASN B 41 2.62 15.97 2.14
N THR B 42 1.98 16.61 1.18
CA THR B 42 1.23 17.83 1.43
C THR B 42 -0.23 17.60 1.13
N TYR B 43 -1.11 18.00 2.05
CA TYR B 43 -2.54 17.92 1.85
C TYR B 43 -3.09 19.32 1.84
N TYR B 44 -3.94 19.61 0.86
CA TYR B 44 -4.48 20.96 0.64
C TYR B 44 -5.97 20.98 0.93
N PHE B 45 -6.47 22.10 1.43
CA PHE B 45 -7.86 22.23 1.84
C PHE B 45 -8.47 23.47 1.19
N ALA B 46 -9.62 23.30 0.54
CA ALA B 46 -10.31 24.37 -0.15
C ALA B 46 -11.82 24.17 -0.11
N LYS B 47 -12.57 25.25 -0.27
CA LYS B 47 -14.02 25.19 -0.40
C LYS B 47 -14.38 25.40 -1.86
N TYR B 48 -15.28 24.57 -2.37
CA TYR B 48 -15.79 24.70 -3.74
C TYR B 48 -17.26 24.30 -3.83
N LYS B 49 -18.13 25.24 -4.22
CA LYS B 49 -19.56 24.94 -4.51
C LYS B 49 -20.25 24.17 -3.38
N ASP B 50 -20.09 24.67 -2.16
CA ASP B 50 -20.67 24.05 -0.95
C ASP B 50 -20.09 22.68 -0.59
N HIS B 51 -18.89 22.37 -1.08
CA HIS B 51 -18.15 21.19 -0.65
C HIS B 51 -16.82 21.61 -0.09
N GLU B 52 -16.46 21.01 1.02
CA GLU B 52 -15.08 21.05 1.48
C GLU B 52 -14.29 20.02 0.69
N LEU B 53 -13.13 20.45 0.20
CA LEU B 53 -12.23 19.59 -0.57
C LEU B 53 -10.94 19.37 0.19
N VAL B 54 -10.41 18.16 0.06
CA VAL B 54 -9.04 17.87 0.47
C VAL B 54 -8.34 17.32 -0.77
N LEU B 55 -7.18 17.87 -1.11
CA LEU B 55 -6.46 17.50 -2.32
C LEU B 55 -5.05 17.07 -1.98
N ALA B 56 -4.51 16.17 -2.80
CA ALA B 56 -3.13 15.75 -2.66
C ALA B 56 -2.66 15.06 -3.93
N TYR B 57 -1.35 15.16 -4.13
CA TYR B 57 -0.64 14.28 -5.05
C TYR B 57 -0.41 12.97 -4.31
N SER B 58 -0.74 11.84 -4.95
CA SER B 58 -0.70 10.53 -4.28
C SER B 58 0.70 10.07 -3.89
N LYS B 59 1.71 10.60 -4.59
CA LYS B 59 3.05 10.05 -4.64
C LYS B 59 3.02 8.71 -5.39
N ILE B 60 4.20 8.14 -5.68
CA ILE B 60 4.29 7.10 -6.71
C ILE B 60 4.14 5.70 -6.12
N GLY B 61 3.25 4.91 -6.72
CA GLY B 61 3.14 3.50 -6.44
C GLY B 61 2.06 3.12 -5.45
N LYS B 62 1.96 1.82 -5.21
CA LYS B 62 0.84 1.25 -4.46
C LYS B 62 0.87 1.66 -2.99
N VAL B 63 2.01 1.53 -2.34
CA VAL B 63 2.10 1.89 -0.92
C VAL B 63 1.81 3.38 -0.71
N ASN B 64 2.46 4.23 -1.50
CA ASN B 64 2.25 5.65 -1.37
C ASN B 64 0.79 6.04 -1.56
N SER B 65 0.16 5.51 -2.60
CA SER B 65 -1.21 5.87 -2.89
C SER B 65 -2.20 5.30 -1.87
N THR B 66 -1.92 4.11 -1.37
CA THR B 66 -2.73 3.54 -0.29
C THR B 66 -2.68 4.45 0.93
N LEU B 67 -1.47 4.87 1.30
CA LEU B 67 -1.32 5.76 2.44
C LEU B 67 -2.05 7.09 2.22
N SER B 68 -1.89 7.70 1.06
CA SER B 68 -2.54 8.98 0.80
C SER B 68 -4.07 8.89 0.89
N ALA B 69 -4.63 7.87 0.28
CA ALA B 69 -6.09 7.67 0.35
C ALA B 69 -6.56 7.42 1.78
N SER B 70 -5.81 6.60 2.53
N SER B 70 -5.80 6.61 2.53
CA SER B 70 -6.18 6.30 3.90
CA SER B 70 -6.13 6.29 3.93
C SER B 70 -6.14 7.55 4.78
C SER B 70 -6.12 7.55 4.78
N VAL B 71 -5.14 8.41 4.55
CA VAL B 71 -5.05 9.70 5.28
C VAL B 71 -6.24 10.58 4.93
N MET B 72 -6.56 10.68 3.66
CA MET B 72 -7.68 11.55 3.25
C MET B 72 -9.01 11.14 3.89
N ILE B 73 -9.21 9.85 4.08
CA ILE B 73 -10.45 9.36 4.65
C ILE B 73 -10.35 9.27 6.16
N GLU B 74 -9.36 8.55 6.70
CA GLU B 74 -9.31 8.31 8.15
C GLU B 74 -8.93 9.55 8.95
N LYS B 75 -8.04 10.40 8.42
CA LYS B 75 -7.69 11.64 9.12
C LYS B 75 -8.59 12.80 8.70
N PHE B 76 -8.73 13.03 7.41
CA PHE B 76 -9.43 14.23 6.94
C PHE B 76 -10.91 14.05 6.61
N GLY B 77 -11.47 12.85 6.81
CA GLY B 77 -12.90 12.65 6.74
C GLY B 77 -13.53 12.76 5.36
N ALA B 78 -12.74 12.48 4.31
CA ALA B 78 -13.32 12.50 2.97
C ALA B 78 -14.42 11.44 2.86
N GLN B 79 -15.51 11.83 2.19
CA GLN B 79 -16.69 10.99 2.03
C GLN B 79 -16.85 10.45 0.61
N VAL B 80 -16.16 11.08 -0.33
CA VAL B 80 -16.07 10.66 -1.72
C VAL B 80 -14.61 10.88 -2.11
N LEU B 81 -14.08 10.06 -3.01
CA LEU B 81 -12.73 10.27 -3.52
C LEU B 81 -12.70 10.16 -5.04
N LEU B 82 -12.16 11.22 -5.66
CA LEU B 82 -11.97 11.29 -7.10
C LEU B 82 -10.47 11.27 -7.36
N PHE B 83 -10.04 10.35 -8.21
CA PHE B 83 -8.61 10.11 -8.45
C PHE B 83 -8.32 10.29 -9.92
N THR B 84 -7.58 11.33 -10.26
N THR B 84 -7.49 11.29 -10.22
CA THR B 84 -7.19 11.59 -11.64
CA THR B 84 -7.14 11.68 -11.58
C THR B 84 -5.73 11.19 -11.87
C THR B 84 -5.69 11.28 -11.87
N GLY B 85 -5.41 10.79 -13.09
CA GLY B 85 -4.10 10.32 -13.44
C GLY B 85 -3.95 9.97 -14.90
N VAL B 86 -2.85 9.29 -15.19
CA VAL B 86 -2.53 8.80 -16.53
C VAL B 86 -2.29 7.30 -16.50
N ALA B 87 -2.37 6.67 -17.66
CA ALA B 87 -2.14 5.24 -17.75
C ALA B 87 -1.63 4.87 -19.14
N GLY B 88 -0.89 3.78 -19.21
CA GLY B 88 -0.47 3.22 -20.49
C GLY B 88 -1.59 2.36 -21.06
N ALA B 89 -1.95 2.57 -22.33
CA ALA B 89 -3.02 1.83 -22.97
C ALA B 89 -2.53 0.46 -23.43
N PHE B 90 -3.32 -0.58 -23.15
CA PHE B 90 -3.07 -1.95 -23.63
C PHE B 90 -4.04 -2.39 -24.71
N ASN B 91 -5.28 -1.91 -24.61
CA ASN B 91 -6.32 -2.28 -25.57
C ASN B 91 -5.99 -1.55 -26.87
N PRO B 92 -5.82 -2.30 -28.00
CA PRO B 92 -5.55 -1.65 -29.31
C PRO B 92 -6.59 -0.63 -29.78
N GLU B 93 -7.82 -0.71 -29.28
CA GLU B 93 -8.87 0.26 -29.60
C GLU B 93 -8.60 1.67 -29.07
N LEU B 94 -7.81 1.78 -28.01
CA LEU B 94 -7.54 3.07 -27.38
C LEU B 94 -6.47 3.86 -28.11
N GLU B 95 -6.50 5.18 -27.93
CA GLU B 95 -5.54 6.10 -28.52
C GLU B 95 -4.97 7.01 -27.44
N ILE B 96 -3.80 7.59 -27.71
CA ILE B 96 -3.18 8.58 -26.82
C ILE B 96 -4.16 9.73 -26.57
N GLY B 97 -4.28 10.14 -25.30
CA GLY B 97 -5.18 11.21 -24.91
C GLY B 97 -6.59 10.78 -24.56
N ASP B 98 -6.99 9.55 -24.92
CA ASP B 98 -8.34 9.08 -24.58
C ASP B 98 -8.53 9.09 -23.06
N LEU B 99 -9.70 9.53 -22.61
CA LEU B 99 -10.06 9.49 -21.19
C LEU B 99 -10.84 8.23 -20.91
N LEU B 100 -10.42 7.54 -19.86
CA LEU B 100 -10.99 6.27 -19.44
C LEU B 100 -11.40 6.43 -17.98
N TYR B 101 -12.55 5.91 -17.59
CA TYR B 101 -12.82 5.67 -16.17
C TYR B 101 -12.72 4.18 -15.91
N ALA B 102 -12.13 3.81 -14.77
CA ALA B 102 -12.01 2.40 -14.43
C ALA B 102 -13.34 1.89 -13.89
N THR B 103 -13.82 0.79 -14.45
CA THR B 103 -14.99 0.09 -13.89
C THR B 103 -14.54 -0.86 -12.80
N LYS B 104 -13.38 -1.47 -12.98
CA LYS B 104 -12.79 -2.32 -11.97
C LYS B 104 -11.30 -2.40 -12.19
N LEU B 105 -10.59 -2.79 -11.12
CA LEU B 105 -9.13 -2.80 -11.11
C LEU B 105 -8.60 -4.01 -10.38
N ALA B 106 -7.42 -4.46 -10.80
CA ALA B 106 -6.71 -5.57 -10.16
C ALA B 106 -5.26 -5.20 -9.97
N GLN B 107 -4.59 -5.87 -9.03
CA GLN B 107 -3.15 -5.76 -8.85
C GLN B 107 -2.47 -6.91 -9.60
N TYR B 108 -1.80 -6.59 -10.71
CA TYR B 108 -1.19 -7.66 -11.55
C TYR B 108 0.05 -8.30 -10.88
N ASP B 109 0.64 -7.61 -9.91
CA ASP B 109 1.87 -8.04 -9.24
C ASP B 109 1.65 -8.56 -7.82
N LEU B 110 0.39 -8.79 -7.45
CA LEU B 110 0.05 -9.45 -6.20
C LEU B 110 -0.08 -10.93 -6.48
N ASP B 111 0.89 -11.70 -6.01
CA ASP B 111 1.16 -13.04 -6.55
C ASP B 111 1.49 -14.03 -5.45
N ILE B 112 0.48 -14.80 -5.05
CA ILE B 112 0.70 -15.98 -4.22
C ILE B 112 0.22 -17.21 -4.99
N THR B 113 0.49 -17.20 -6.29
CA THR B 113 0.13 -18.31 -7.18
C THR B 113 0.87 -19.59 -6.82
N ALA B 114 1.99 -19.49 -6.10
CA ALA B 114 2.69 -20.68 -5.55
C ALA B 114 1.79 -21.57 -4.70
N PHE B 115 0.75 -21.00 -4.10
CA PHE B 115 -0.21 -21.76 -3.28
C PHE B 115 -1.51 -22.13 -4.02
N GLY B 116 -1.49 -22.05 -5.34
CA GLY B 116 -2.64 -22.46 -6.16
C GLY B 116 -3.73 -21.41 -6.37
N HIS B 117 -3.46 -20.16 -5.99
CA HIS B 117 -4.40 -19.06 -6.20
C HIS B 117 -4.20 -18.42 -7.57
N PRO B 118 -5.26 -17.81 -8.12
CA PRO B 118 -5.06 -17.04 -9.34
C PRO B 118 -4.26 -15.76 -9.08
N LEU B 119 -3.58 -15.26 -10.11
CA LEU B 119 -2.82 -14.03 -9.99
C LEU B 119 -3.75 -12.90 -9.58
N GLY B 120 -3.27 -12.09 -8.62
CA GLY B 120 -4.02 -10.95 -8.11
C GLY B 120 -4.89 -11.22 -6.90
N PHE B 121 -5.04 -12.50 -6.54
CA PHE B 121 -5.89 -12.91 -5.43
C PHE B 121 -5.09 -13.19 -4.18
N VAL B 122 -5.58 -12.69 -3.04
CA VAL B 122 -5.13 -13.16 -1.73
C VAL B 122 -6.35 -13.46 -0.86
N PRO B 123 -6.30 -14.54 -0.05
CA PRO B 123 -7.41 -14.82 0.86
C PRO B 123 -7.72 -13.62 1.72
N GLY B 124 -9.00 -13.29 1.83
CA GLY B 124 -9.44 -12.07 2.49
C GLY B 124 -9.79 -10.96 1.54
N ASN B 125 -9.50 -11.14 0.25
CA ASN B 125 -9.75 -10.15 -0.78
C ASN B 125 -10.25 -10.84 -2.05
N GLU B 126 -10.51 -10.05 -3.09
CA GLU B 126 -10.90 -10.56 -4.41
C GLU B 126 -9.93 -10.10 -5.47
N ILE B 127 -10.03 -10.66 -6.67
CA ILE B 127 -9.12 -10.26 -7.75
C ILE B 127 -9.40 -8.83 -8.17
N PHE B 128 -10.67 -8.50 -8.39
CA PHE B 128 -11.06 -7.17 -8.86
C PHE B 128 -11.75 -6.39 -7.78
N ILE B 129 -11.53 -5.07 -7.80
CA ILE B 129 -12.27 -4.12 -7.00
C ILE B 129 -13.01 -3.18 -7.94
N LYS B 130 -14.30 -2.98 -7.68
CA LYS B 130 -15.14 -2.12 -8.53
C LYS B 130 -15.12 -0.70 -7.97
N THR B 131 -15.29 0.27 -8.88
CA THR B 131 -15.51 1.65 -8.52
C THR B 131 -17.01 1.91 -8.34
N ASP B 132 -17.35 3.14 -7.94
CA ASP B 132 -18.71 3.47 -7.58
C ASP B 132 -19.56 3.79 -8.80
N GLU B 133 -20.65 3.03 -8.96
CA GLU B 133 -21.55 3.20 -10.11
C GLU B 133 -22.16 4.59 -10.22
N LYS B 134 -22.60 5.15 -9.09
CA LYS B 134 -23.19 6.50 -9.09
C LYS B 134 -22.17 7.55 -9.56
N LEU B 135 -20.95 7.49 -9.07
CA LEU B 135 -19.91 8.41 -9.54
C LEU B 135 -19.59 8.21 -11.00
N ASN B 136 -19.54 6.98 -11.46
CA ASN B 136 -19.26 6.71 -12.87
C ASN B 136 -20.35 7.31 -13.77
N ASN B 137 -21.61 7.18 -13.34
CA ASN B 137 -22.71 7.76 -14.10
C ASN B 137 -22.68 9.27 -14.07
N LEU B 138 -22.30 9.85 -12.95
CA LEU B 138 -22.09 11.29 -12.88
C LEU B 138 -21.00 11.74 -13.85
N ALA B 139 -19.90 11.00 -13.93
CA ALA B 139 -18.83 11.31 -14.87
C ALA B 139 -19.30 11.27 -16.32
N LEU B 140 -20.12 10.29 -16.65
CA LEU B 140 -20.72 10.25 -18.00
C LEU B 140 -21.59 11.47 -18.29
N GLU B 141 -22.36 11.93 -17.31
CA GLU B 141 -23.14 13.17 -17.43
C GLU B 141 -22.23 14.38 -17.65
N VAL B 142 -21.17 14.50 -16.86
CA VAL B 142 -20.20 15.60 -16.99
C VAL B 142 -19.52 15.56 -18.34
N ALA B 143 -19.10 14.38 -18.80
CA ALA B 143 -18.47 14.23 -20.10
C ALA B 143 -19.41 14.74 -21.21
N LYS B 144 -20.68 14.38 -21.12
CA LYS B 144 -21.69 14.83 -22.09
C LYS B 144 -21.82 16.35 -22.07
N GLU B 145 -21.94 16.93 -20.87
CA GLU B 145 -22.07 18.39 -20.71
C GLU B 145 -20.84 19.18 -21.17
N LEU B 146 -19.66 18.60 -21.01
CA LEU B 146 -18.41 19.24 -21.44
C LEU B 146 -17.98 18.89 -22.86
N ASN B 147 -18.76 18.04 -23.54
N ASN B 147 -18.78 18.11 -23.60
CA ASN B 147 -18.47 17.56 -24.88
CA ASN B 147 -18.38 17.60 -24.91
C ASN B 147 -17.10 16.86 -24.94
C ASN B 147 -17.01 16.96 -24.85
N ILE B 148 -16.88 15.97 -23.98
CA ILE B 148 -15.66 15.19 -23.83
C ILE B 148 -16.06 13.71 -24.00
N LYS B 149 -15.21 13.00 -24.71
CA LYS B 149 -15.42 11.58 -25.00
C LYS B 149 -14.89 10.83 -23.77
N LEU B 150 -15.69 9.95 -23.19
CA LEU B 150 -15.28 9.17 -22.00
C LEU B 150 -15.63 7.70 -22.18
N ARG B 151 -14.64 6.83 -22.01
CA ARG B 151 -14.82 5.39 -22.18
C ARG B 151 -14.60 4.64 -20.86
N ALA B 152 -15.25 3.50 -20.71
CA ALA B 152 -15.05 2.60 -19.57
C ALA B 152 -13.90 1.65 -19.85
N GLY B 153 -13.16 1.30 -18.81
CA GLY B 153 -12.10 0.28 -18.97
C GLY B 153 -11.72 -0.41 -17.68
N ILE B 154 -11.07 -1.54 -17.83
CA ILE B 154 -10.49 -2.32 -16.73
C ILE B 154 -9.04 -1.87 -16.59
N ILE B 155 -8.61 -1.55 -15.37
CA ILE B 155 -7.24 -1.08 -15.13
C ILE B 155 -6.48 -2.10 -14.31
N ALA B 156 -5.28 -2.44 -14.78
CA ALA B 156 -4.36 -3.26 -14.00
C ALA B 156 -3.31 -2.36 -13.38
N THR B 157 -3.10 -2.55 -12.08
CA THR B 157 -2.19 -1.72 -11.27
C THR B 157 -1.05 -2.58 -10.76
N GLY B 158 0.15 -2.02 -10.78
CA GLY B 158 1.27 -2.66 -10.15
C GLY B 158 2.42 -1.69 -10.03
N ASP B 159 3.44 -2.10 -9.29
CA ASP B 159 4.55 -1.21 -8.92
C ASP B 159 5.73 -1.19 -9.89
N GLU B 160 5.52 -1.73 -11.10
CA GLU B 160 6.50 -1.61 -12.16
C GLU B 160 6.00 -0.67 -13.25
N PHE B 161 6.91 0.15 -13.77
CA PHE B 161 6.62 0.86 -15.02
C PHE B 161 7.03 -0.09 -16.14
N ILE B 162 6.04 -0.70 -16.79
CA ILE B 162 6.32 -1.78 -17.74
C ILE B 162 6.64 -1.23 -19.11
N CYS B 163 7.78 -1.69 -19.65
CA CYS B 163 8.18 -1.43 -21.04
C CYS B 163 8.16 -2.68 -21.93
N ASP B 164 8.11 -3.86 -21.32
CA ASP B 164 8.14 -5.14 -22.04
C ASP B 164 6.77 -5.38 -22.68
N GLU B 165 6.73 -5.37 -24.02
CA GLU B 165 5.48 -5.56 -24.76
C GLU B 165 4.81 -6.92 -24.49
N ALA B 166 5.63 -7.97 -24.36
CA ALA B 166 5.10 -9.29 -24.03
C ALA B 166 4.42 -9.29 -22.65
N LYS B 167 5.00 -8.58 -21.68
CA LYS B 167 4.39 -8.48 -20.35
C LYS B 167 3.06 -7.73 -20.39
N LYS B 168 3.01 -6.66 -21.16
CA LYS B 168 1.76 -5.91 -21.37
C LYS B 168 0.66 -6.83 -21.93
N ALA B 169 1.01 -7.60 -22.95
CA ALA B 169 0.07 -8.54 -23.55
C ALA B 169 -0.41 -9.60 -22.56
N LYS B 170 0.49 -10.07 -21.71
CA LYS B 170 0.15 -11.07 -20.71
C LYS B 170 -0.81 -10.51 -19.66
N ILE B 171 -0.55 -9.29 -19.20
CA ILE B 171 -1.44 -8.65 -18.22
C ILE B 171 -2.81 -8.42 -18.85
N ARG B 172 -2.85 -7.95 -20.08
CA ARG B 172 -4.09 -7.82 -20.79
C ARG B 172 -4.86 -9.12 -20.86
N GLU B 173 -4.17 -10.20 -21.20
CA GLU B 173 -4.79 -11.51 -21.36
C GLU B 173 -5.39 -11.99 -20.02
N ILE B 174 -4.60 -11.91 -18.95
CA ILE B 174 -5.02 -12.46 -17.66
C ILE B 174 -6.22 -11.71 -17.09
N PHE B 175 -6.20 -10.40 -17.17
CA PHE B 175 -7.21 -9.56 -16.48
C PHE B 175 -8.21 -8.90 -17.42
N ASN B 176 -8.07 -9.11 -18.73
CA ASN B 176 -8.79 -8.32 -19.74
C ASN B 176 -8.58 -6.82 -19.51
N ALA B 177 -7.37 -6.43 -19.13
CA ALA B 177 -7.08 -5.04 -18.78
C ALA B 177 -6.91 -4.14 -20.01
N ASP B 178 -7.50 -2.96 -19.94
CA ASP B 178 -7.42 -1.97 -21.01
C ASP B 178 -6.26 -1.01 -20.89
N ALA B 179 -5.78 -0.81 -19.68
CA ALA B 179 -4.70 0.12 -19.39
C ALA B 179 -4.04 -0.28 -18.08
N CYS B 180 -2.93 0.38 -17.77
N CYS B 180 -2.82 0.24 -17.87
CA CYS B 180 -2.08 -0.02 -16.69
CA CYS B 180 -2.04 -0.04 -16.67
C CYS B 180 -1.41 1.18 -16.04
C CYS B 180 -1.48 1.21 -16.03
N GLU B 181 -1.34 1.16 -14.71
CA GLU B 181 -0.70 2.25 -13.97
C GLU B 181 -0.25 1.72 -12.61
N MET B 182 0.16 2.63 -11.73
CA MET B 182 0.83 2.24 -10.49
C MET B 182 0.07 2.59 -9.21
N GLU B 183 -1.12 3.16 -9.32
CA GLU B 183 -1.85 3.60 -8.12
C GLU B 183 -3.35 3.31 -8.05
N GLY B 184 -4.00 2.89 -9.12
CA GLY B 184 -5.45 2.83 -9.12
C GLY B 184 -6.06 1.79 -8.21
N ALA B 185 -5.63 0.54 -8.35
CA ALA B 185 -6.27 -0.55 -7.61
C ALA B 185 -6.12 -0.39 -6.10
N SER B 186 -4.96 0.11 -5.68
CA SER B 186 -4.70 0.33 -4.26
C SER B 186 -5.66 1.35 -3.68
N VAL B 187 -5.85 2.47 -4.38
CA VAL B 187 -6.79 3.49 -3.91
C VAL B 187 -8.22 2.99 -3.93
N ALA B 188 -8.62 2.30 -4.99
CA ALA B 188 -9.97 1.75 -5.06
C ALA B 188 -10.25 0.78 -3.92
N LEU B 189 -9.25 -0.01 -3.56
CA LEU B 189 -9.37 -0.96 -2.43
C LEU B 189 -9.54 -0.23 -1.09
N VAL B 190 -8.73 0.80 -0.84
CA VAL B 190 -8.87 1.59 0.37
C VAL B 190 -10.28 2.17 0.49
N CYS B 191 -10.75 2.77 -0.60
CA CYS B 191 -12.05 3.42 -0.60
C CYS B 191 -13.17 2.43 -0.35
N ASP B 192 -13.14 1.29 -1.03
CA ASP B 192 -14.13 0.24 -0.79
C ASP B 192 -14.10 -0.24 0.65
N ALA B 193 -12.92 -0.46 1.20
CA ALA B 193 -12.80 -0.96 2.57
C ALA B 193 -13.39 0.03 3.57
N LEU B 194 -13.25 1.32 3.29
CA LEU B 194 -13.73 2.38 4.18
C LEU B 194 -15.10 2.93 3.79
N LYS B 195 -15.78 2.26 2.87
CA LYS B 195 -17.15 2.62 2.45
C LYS B 195 -17.26 4.03 1.88
N VAL B 196 -16.25 4.39 1.08
CA VAL B 196 -16.17 5.69 0.43
C VAL B 196 -16.28 5.47 -1.08
N PRO B 197 -17.28 6.07 -1.73
CA PRO B 197 -17.37 5.96 -3.18
C PRO B 197 -16.11 6.52 -3.86
N CYS B 198 -15.58 5.76 -4.80
CA CYS B 198 -14.36 6.09 -5.53
C CYS B 198 -14.61 6.15 -7.04
N PHE B 199 -13.99 7.17 -7.65
CA PHE B 199 -13.98 7.35 -9.10
C PHE B 199 -12.53 7.44 -9.55
N ILE B 200 -12.17 6.70 -10.59
CA ILE B 200 -10.82 6.68 -11.12
C ILE B 200 -10.80 7.04 -12.59
N LEU B 201 -10.17 8.17 -12.89
CA LEU B 201 -10.09 8.75 -14.24
C LEU B 201 -8.65 8.66 -14.71
N ARG B 202 -8.45 8.18 -15.93
CA ARG B 202 -7.12 7.99 -16.50
C ARG B 202 -7.07 8.49 -17.94
N ALA B 203 -6.11 9.35 -18.24
CA ALA B 203 -5.82 9.74 -19.64
C ALA B 203 -4.74 8.82 -20.18
N MET B 204 -4.91 8.32 -21.40
CA MET B 204 -3.95 7.39 -21.99
C MET B 204 -2.70 8.15 -22.43
N SER B 205 -1.57 7.85 -21.78
CA SER B 205 -0.31 8.57 -21.99
C SER B 205 0.67 7.84 -22.89
N ASP B 206 0.34 6.62 -23.28
CA ASP B 206 1.19 5.76 -24.09
C ASP B 206 0.30 4.68 -24.69
N LYS B 207 0.69 4.19 -25.88
CA LYS B 207 -0.03 3.07 -26.51
C LYS B 207 0.94 1.92 -26.63
N ALA B 208 0.44 0.70 -26.35
CA ALA B 208 1.22 -0.52 -26.51
C ALA B 208 1.61 -0.69 -27.99
N GLY B 209 2.91 -0.78 -28.24
CA GLY B 209 3.42 -1.05 -29.60
C GLY B 209 3.51 0.15 -30.54
N GLU B 210 3.31 1.36 -30.01
CA GLU B 210 3.61 2.60 -30.74
C GLU B 210 4.75 3.35 -30.07
N LYS B 211 5.75 3.74 -30.87
CA LYS B 211 6.73 4.74 -30.43
C LYS B 211 6.00 6.07 -30.26
N ALA B 212 6.21 6.71 -29.12
CA ALA B 212 5.38 7.85 -28.70
C ALA B 212 5.16 8.95 -29.75
N GLU B 213 6.23 9.64 -30.14
CA GLU B 213 6.21 10.76 -31.09
C GLU B 213 5.39 11.97 -30.60
N PHE B 214 5.47 12.25 -29.31
CA PHE B 214 4.96 13.50 -28.73
C PHE B 214 5.67 13.79 -27.41
N ASP B 215 5.60 15.03 -26.97
CA ASP B 215 6.27 15.41 -25.72
C ASP B 215 5.40 15.06 -24.51
N PHE B 216 5.96 14.35 -23.55
CA PHE B 216 5.23 13.92 -22.37
C PHE B 216 4.80 15.10 -21.48
N ASP B 217 5.72 16.05 -21.29
CA ASP B 217 5.45 17.20 -20.43
C ASP B 217 4.27 18.01 -20.93
N GLU B 218 4.25 18.28 -22.23
CA GLU B 218 3.14 18.95 -22.89
C GLU B 218 1.84 18.15 -22.76
N PHE B 219 1.90 16.86 -23.03
CA PHE B 219 0.73 15.99 -22.86
C PHE B 219 0.16 16.07 -21.43
N VAL B 220 1.04 16.00 -20.43
CA VAL B 220 0.63 16.04 -19.02
C VAL B 220 -0.08 17.36 -18.67
N ILE B 221 0.49 18.48 -19.11
CA ILE B 221 -0.10 19.78 -18.84
C ILE B 221 -1.48 19.90 -19.48
N ASN B 222 -1.60 19.49 -20.74
CA ASN B 222 -2.88 19.60 -21.43
C ASN B 222 -3.92 18.64 -20.86
N SER B 223 -3.52 17.40 -20.61
CA SER B 223 -4.44 16.42 -19.99
C SER B 223 -4.85 16.83 -18.58
N ALA B 224 -3.92 17.36 -17.79
CA ALA B 224 -4.23 17.83 -16.43
C ALA B 224 -5.24 18.98 -16.41
N LYS B 225 -5.16 19.90 -17.37
CA LYS B 225 -6.14 20.99 -17.47
C LYS B 225 -7.55 20.43 -17.68
N ILE B 226 -7.66 19.49 -18.62
CA ILE B 226 -8.96 18.86 -18.92
C ILE B 226 -9.48 18.10 -17.71
N SER B 227 -8.62 17.29 -17.10
CA SER B 227 -9.02 16.48 -15.93
C SER B 227 -9.40 17.35 -14.72
N ALA B 228 -8.71 18.47 -14.52
CA ALA B 228 -9.02 19.37 -13.40
C ALA B 228 -10.41 19.94 -13.54
N ASN B 229 -10.73 20.47 -14.73
CA ASN B 229 -12.06 20.98 -14.98
C ASN B 229 -13.11 19.88 -14.87
N PHE B 230 -12.79 18.69 -15.35
CA PHE B 230 -13.69 17.55 -15.29
C PHE B 230 -14.08 17.23 -13.85
N VAL B 231 -13.10 17.08 -12.97
CA VAL B 231 -13.42 16.68 -11.58
C VAL B 231 -14.09 17.80 -10.79
N LEU B 232 -13.77 19.08 -11.09
CA LEU B 232 -14.48 20.18 -10.46
C LEU B 232 -15.95 20.19 -10.90
N LYS B 233 -16.21 19.87 -12.17
CA LYS B 233 -17.59 19.78 -12.63
C LYS B 233 -18.33 18.63 -11.93
N MET B 234 -17.64 17.52 -11.67
CA MET B 234 -18.23 16.45 -10.85
C MET B 234 -18.58 16.95 -9.45
N CYS B 235 -17.66 17.68 -8.83
CA CYS B 235 -17.89 18.24 -7.48
C CYS B 235 -19.12 19.12 -7.45
N GLU B 236 -19.27 19.94 -8.47
CA GLU B 236 -20.40 20.87 -8.58
C GLU B 236 -21.74 20.14 -8.59
N LYS B 237 -21.78 18.97 -9.22
CA LYS B 237 -23.00 18.14 -9.27
C LYS B 237 -23.23 17.23 -8.07
N LEU B 238 -22.22 17.02 -7.23
CA LEU B 238 -22.36 16.19 -6.04
C LEU B 238 -23.04 16.93 -4.90
C1 EDO C . -7.65 -13.94 16.36
O1 EDO C . -7.19 -15.07 17.11
C2 EDO C . -7.29 -14.08 14.90
O2 EDO C . -7.79 -15.32 14.37
C1 EDO D . 11.48 2.85 1.29
O1 EDO D . 10.41 3.80 1.16
C2 EDO D . 10.95 1.47 1.61
O2 EDO D . 10.29 0.89 0.46
C1 EDO E . -8.63 -4.94 3.39
O1 EDO E . -8.26 -6.23 2.92
C2 EDO E . -9.11 -4.18 2.18
O2 EDO E . -10.37 -4.67 1.69
C1 EDO F . 10.86 7.81 3.34
O1 EDO F . 11.65 8.74 2.61
C2 EDO F . 11.24 6.41 2.88
O2 EDO F . 11.11 6.34 1.45
C1 EDO G . 10.67 4.22 21.02
O1 EDO G . 11.16 5.29 20.20
C2 EDO G . 10.16 4.76 22.35
O2 EDO G . 8.74 4.88 22.29
C1 EDO H . 0.85 -17.88 25.66
O1 EDO H . 1.44 -18.91 24.88
C2 EDO H . 0.08 -17.00 24.69
O2 EDO H . -1.29 -17.03 25.05
C1 EDO I . 5.89 8.00 2.74
O1 EDO I . 7.18 8.53 3.07
C2 EDO I . 5.11 8.89 1.80
O2 EDO I . 5.88 8.96 0.59
C1 EDO J . -7.79 -5.10 -6.06
O1 EDO J . -6.42 -5.52 -5.99
C2 EDO J . -8.65 -6.12 -5.36
O2 EDO J . -8.52 -6.07 -3.93
C1 EDO K . 2.75 -11.77 -14.76
O1 EDO K . 3.73 -10.76 -14.55
C2 EDO K . 1.64 -11.14 -15.56
O2 EDO K . 2.17 -10.76 -16.83
#